data_5LQ7
#
_entry.id   5LQ7
#
_cell.length_a   44.000
_cell.length_b   51.970
_cell.length_c   47.220
_cell.angle_alpha   90.00
_cell.angle_beta   107.70
_cell.angle_gamma   90.00
#
_symmetry.space_group_name_H-M   'P 1 21 1'
#
loop_
_entity.id
_entity.type
_entity.pdbx_description
1 polymer 'Virulence protein vsdE'
2 non-polymer 2-AMINO-2-HYDROXYMETHYL-PROPANE-1,3-DIOL
3 non-polymer DI(HYDROXYETHYL)ETHER
4 non-polymer 'SODIUM ION'
5 non-polymer 'CHLORIDE ION'
6 water water
#
_entity_poly.entity_id   1
_entity_poly.type   'polypeptide(L)'
_entity_poly.pdbx_seq_one_letter_code
;GPGMRVSGSASSQDIISRINSKNINNNDSNEVKRIKDALSIESKERILYPQNLSRDNLKQMARYVNNTYVHYSGNAVLLS
ACLHYNIHHRQDILSSKNTASPTVGLDSAIVDKIIFGHELNQSYSLNSIDEVEKEILNRYDIKRESSFIISAENYIAPII
GESGHDFNAVVISEYDKKPYVQFIDSWKTSNILPSLQEIKKHFSSSGEFYVRAYDEKHD
;
_entity_poly.pdbx_strand_id   A
#
# COMPACT_ATOMS: atom_id res chain seq x y z
N SER A 11 -9.36 -14.61 6.43
CA SER A 11 -9.70 -13.18 6.19
C SER A 11 -10.02 -12.90 4.74
N SER A 12 -9.43 -13.66 3.81
CA SER A 12 -9.74 -13.51 2.38
C SER A 12 -11.21 -13.79 2.07
N GLN A 13 -11.81 -14.73 2.79
CA GLN A 13 -13.21 -15.01 2.57
C GLN A 13 -14.11 -13.82 2.98
N ASP A 14 -13.69 -13.07 4.00
CA ASP A 14 -14.38 -11.83 4.37
C ASP A 14 -14.34 -10.81 3.25
N ILE A 15 -13.20 -10.71 2.57
CA ILE A 15 -13.10 -9.77 1.44
C ILE A 15 -14.12 -10.13 0.37
N ILE A 16 -14.18 -11.44 0.06
CA ILE A 16 -15.12 -11.94 -0.93
C ILE A 16 -16.58 -11.63 -0.51
N SER A 17 -16.88 -11.81 0.75
CA SER A 17 -18.20 -11.54 1.23
C SER A 17 -18.54 -10.04 1.06
N ARG A 18 -17.60 -9.18 1.42
CA ARG A 18 -17.86 -7.75 1.28
C ARG A 18 -18.00 -7.29 -0.17
N ILE A 19 -17.10 -7.73 -1.05
CA ILE A 19 -17.18 -7.28 -2.45
CA ILE A 19 -17.13 -7.39 -2.48
C ILE A 19 -18.45 -7.74 -3.14
N ASN A 20 -19.01 -8.89 -2.73
CA ASN A 20 -20.22 -9.36 -3.34
C ASN A 20 -21.52 -8.97 -2.65
N SER A 21 -21.46 -8.15 -1.59
CA SER A 21 -22.63 -7.95 -0.78
C SER A 21 -23.60 -6.99 -1.45
N LYS A 22 -24.85 -7.08 -1.03
CA LYS A 22 -25.89 -6.24 -1.59
C LYS A 22 -25.98 -4.93 -0.85
N ASN A 23 -25.41 -4.87 0.36
CA ASN A 23 -25.51 -3.70 1.18
C ASN A 23 -24.46 -2.68 0.83
N ILE A 24 -24.62 -2.12 -0.38
CA ILE A 24 -23.68 -1.11 -0.88
C ILE A 24 -24.50 0.01 -1.53
N ASN A 25 -24.18 1.25 -1.18
CA ASN A 25 -24.78 2.43 -1.76
C ASN A 25 -24.49 2.36 -3.28
N ASN A 26 -25.49 2.55 -4.11
CA ASN A 26 -25.22 2.38 -5.55
C ASN A 26 -24.30 3.46 -6.14
N ASN A 27 -24.06 4.55 -5.43
CA ASN A 27 -22.99 5.49 -5.75
C ASN A 27 -21.60 4.88 -5.60
N ASP A 28 -21.46 3.82 -4.79
CA ASP A 28 -20.20 3.10 -4.59
C ASP A 28 -20.07 1.81 -5.44
N SER A 29 -21.15 1.38 -6.06
CA SER A 29 -21.18 0.08 -6.68
C SER A 29 -20.19 -0.01 -7.85
N ASN A 30 -20.00 1.10 -8.59
CA ASN A 30 -19.04 1.13 -9.67
C ASN A 30 -17.62 0.94 -9.15
N GLU A 31 -17.24 1.68 -8.09
CA GLU A 31 -15.94 1.50 -7.45
C GLU A 31 -15.73 0.06 -6.99
N VAL A 32 -16.74 -0.54 -6.37
CA VAL A 32 -16.60 -1.88 -5.85
C VAL A 32 -16.46 -2.87 -7.00
N LYS A 33 -17.17 -2.62 -8.11
CA LYS A 33 -17.06 -3.50 -9.28
C LYS A 33 -15.69 -3.43 -9.90
N ARG A 34 -15.10 -2.23 -9.88
CA ARG A 34 -13.75 -2.05 -10.36
C ARG A 34 -12.75 -2.84 -9.51
N ILE A 35 -12.92 -2.77 -8.21
CA ILE A 35 -12.07 -3.58 -7.34
C ILE A 35 -12.24 -5.07 -7.59
N LYS A 36 -13.48 -5.53 -7.69
CA LYS A 36 -13.79 -6.91 -7.95
C LYS A 36 -13.10 -7.42 -9.22
N ASP A 37 -13.16 -6.63 -10.26
CA ASP A 37 -12.60 -7.03 -11.55
C ASP A 37 -11.07 -7.06 -11.50
N ALA A 38 -10.48 -6.15 -10.76
CA ALA A 38 -9.05 -6.09 -10.61
C ALA A 38 -8.44 -7.15 -9.72
N LEU A 39 -9.13 -7.52 -8.66
CA LEU A 39 -8.52 -8.23 -7.57
C LEU A 39 -8.47 -9.71 -7.80
N SER A 40 -7.32 -10.34 -7.57
CA SER A 40 -7.19 -11.81 -7.46
C SER A 40 -6.82 -12.20 -6.03
N ILE A 41 -7.43 -13.28 -5.55
CA ILE A 41 -7.17 -13.82 -4.24
C ILE A 41 -6.60 -15.22 -4.40
N GLU A 42 -5.34 -15.39 -4.04
CA GLU A 42 -4.71 -16.71 -4.00
C GLU A 42 -4.75 -17.22 -2.57
N SER A 43 -5.50 -18.29 -2.33
CA SER A 43 -5.71 -18.85 -0.97
C SER A 43 -5.01 -20.19 -0.68
N LYS A 44 -4.42 -20.81 -1.70
CA LYS A 44 -3.68 -22.06 -1.50
C LYS A 44 -2.61 -21.93 -0.41
N GLU A 45 -2.59 -22.87 0.53
CA GLU A 45 -1.59 -22.86 1.60
C GLU A 45 -0.16 -23.07 1.06
N ARG A 46 0.68 -22.09 1.33
CA ARG A 46 2.03 -22.07 0.82
C ARG A 46 2.93 -21.66 1.96
N ILE A 47 4.23 -21.82 1.74
CA ILE A 47 5.21 -21.35 2.68
C ILE A 47 5.05 -19.83 2.89
N LEU A 48 4.97 -19.41 4.14
CA LEU A 48 4.92 -18.01 4.49
C LEU A 48 6.26 -17.33 4.29
N TYR A 49 6.22 -16.01 4.04
CA TYR A 49 7.38 -15.21 4.23
C TYR A 49 7.79 -15.26 5.71
N PRO A 50 9.09 -15.05 5.99
CA PRO A 50 9.58 -15.03 7.36
C PRO A 50 9.00 -13.92 8.22
N GLN A 51 9.02 -14.08 9.53
CA GLN A 51 8.50 -13.10 10.43
C GLN A 51 9.36 -11.84 10.33
N ASN A 52 10.66 -12.03 10.26
CA ASN A 52 11.57 -10.92 10.05
C ASN A 52 11.90 -10.80 8.57
N LEU A 53 11.28 -9.83 7.94
CA LEU A 53 11.38 -9.67 6.47
C LEU A 53 12.73 -9.14 6.03
N SER A 54 13.18 -9.59 4.89
CA SER A 54 14.31 -9.04 4.25
C SER A 54 13.88 -8.06 3.20
N ARG A 55 14.82 -7.24 2.77
CA ARG A 55 14.61 -6.34 1.69
C ARG A 55 14.24 -7.05 0.41
N ASP A 56 14.95 -8.16 0.16
CA ASP A 56 14.59 -9.05 -0.98
CA ASP A 56 14.58 -9.01 -0.97
C ASP A 56 13.12 -9.61 -0.95
N ASN A 57 12.69 -9.94 0.24
CA ASN A 57 11.29 -10.36 0.43
C ASN A 57 10.33 -9.26 -0.05
N LEU A 58 10.63 -8.03 0.30
CA LEU A 58 9.78 -6.90 -0.08
C LEU A 58 9.72 -6.71 -1.57
N LYS A 59 10.84 -6.97 -2.26
CA LYS A 59 10.86 -6.84 -3.67
C LYS A 59 9.95 -7.92 -4.29
N GLN A 60 10.02 -9.13 -3.75
CA GLN A 60 9.22 -10.22 -4.28
C GLN A 60 7.70 -9.93 -4.03
N MET A 61 7.42 -9.41 -2.87
CA MET A 61 6.04 -9.06 -2.54
C MET A 61 5.50 -7.94 -3.39
N ALA A 62 6.33 -6.92 -3.68
CA ALA A 62 5.86 -5.80 -4.50
C ALA A 62 5.62 -6.25 -5.93
N ARG A 63 6.46 -7.16 -6.41
CA ARG A 63 6.30 -7.70 -7.76
C ARG A 63 5.03 -8.52 -7.88
N TYR A 64 4.71 -9.26 -6.84
CA TYR A 64 3.53 -10.10 -6.83
C TYR A 64 2.22 -9.31 -6.93
N VAL A 65 2.08 -8.24 -6.17
CA VAL A 65 0.82 -7.52 -6.15
C VAL A 65 0.48 -6.86 -7.48
N ASN A 66 1.51 -6.47 -8.22
CA ASN A 66 1.28 -5.77 -9.46
C ASN A 66 1.31 -6.82 -10.57
N ASN A 67 0.12 -7.27 -10.93
CA ASN A 67 -0.05 -8.28 -11.99
C ASN A 67 -0.76 -7.65 -13.17
N THR A 68 -0.53 -6.36 -13.36
CA THR A 68 -1.23 -5.60 -14.42
C THR A 68 -0.70 -6.07 -15.76
N TYR A 69 -1.52 -5.88 -16.78
CA TYR A 69 -1.07 -6.16 -18.16
C TYR A 69 0.00 -5.17 -18.55
N VAL A 70 0.82 -5.54 -19.53
CA VAL A 70 1.76 -4.57 -20.13
C VAL A 70 0.91 -3.46 -20.73
N HIS A 71 1.39 -2.23 -20.59
CA HIS A 71 0.68 -1.01 -21.04
C HIS A 71 -0.44 -0.54 -20.12
N TYR A 72 -0.67 -1.25 -19.02
CA TYR A 72 -1.60 -0.73 -17.99
C TYR A 72 -0.81 -0.59 -16.69
N SER A 73 -1.09 0.47 -15.94
CA SER A 73 -0.30 0.78 -14.73
C SER A 73 -0.99 0.38 -13.44
N GLY A 74 -2.30 0.20 -13.47
CA GLY A 74 -3.03 -0.05 -12.23
C GLY A 74 -3.11 1.19 -11.40
N ASN A 75 -3.72 1.05 -10.24
CA ASN A 75 -4.06 2.20 -9.41
C ASN A 75 -3.36 2.00 -8.06
N ALA A 76 -2.56 2.98 -7.71
CA ALA A 76 -1.73 2.89 -6.50
C ALA A 76 -2.54 2.65 -5.23
N VAL A 77 -3.77 3.14 -5.14
CA VAL A 77 -4.53 2.98 -3.91
CA VAL A 77 -4.52 2.98 -3.90
C VAL A 77 -4.82 1.50 -3.68
N LEU A 78 -5.17 0.80 -4.75
CA LEU A 78 -5.48 -0.62 -4.64
C LEU A 78 -4.20 -1.46 -4.46
N LEU A 79 -3.17 -1.14 -5.22
CA LEU A 79 -1.90 -1.86 -5.09
C LEU A 79 -1.32 -1.79 -3.69
N SER A 80 -1.29 -0.57 -3.13
CA SER A 80 -0.71 -0.37 -1.82
CA SER A 80 -0.69 -0.38 -1.83
C SER A 80 -1.48 -1.08 -0.75
N ALA A 81 -2.79 -1.12 -0.88
CA ALA A 81 -3.64 -1.83 0.12
C ALA A 81 -3.41 -3.33 0.04
N CYS A 82 -3.37 -3.87 -1.19
CA CYS A 82 -3.05 -5.28 -1.41
C CYS A 82 -1.72 -5.65 -0.79
N LEU A 83 -0.70 -4.81 -1.03
CA LEU A 83 0.62 -5.09 -0.54
C LEU A 83 0.64 -5.04 0.97
N HIS A 84 -0.05 -4.04 1.53
CA HIS A 84 -0.11 -3.92 3.01
C HIS A 84 -0.75 -5.19 3.64
N TYR A 85 -1.81 -5.69 3.00
CA TYR A 85 -2.52 -6.85 3.44
C TYR A 85 -1.61 -8.09 3.37
N ASN A 86 -0.90 -8.24 2.28
CA ASN A 86 0.01 -9.34 2.08
C ASN A 86 1.13 -9.32 3.10
N ILE A 87 1.73 -8.13 3.33
CA ILE A 87 2.77 -8.03 4.33
C ILE A 87 2.26 -8.47 5.68
N HIS A 88 1.06 -8.02 6.03
CA HIS A 88 0.50 -8.30 7.33
C HIS A 88 0.33 -9.80 7.55
N HIS A 89 -0.11 -10.50 6.52
CA HIS A 89 -0.32 -11.96 6.60
C HIS A 89 0.88 -12.76 6.21
N ARG A 90 1.99 -12.07 5.88
CA ARG A 90 3.20 -12.70 5.43
C ARG A 90 3.00 -13.68 4.31
N GLN A 91 2.14 -13.33 3.35
CA GLN A 91 1.83 -14.19 2.24
C GLN A 91 1.36 -13.42 1.01
N ASP A 92 1.68 -13.95 -0.14
CA ASP A 92 1.24 -13.40 -1.42
C ASP A 92 -0.19 -13.86 -1.66
N ILE A 93 -1.15 -13.09 -1.17
CA ILE A 93 -2.57 -13.44 -1.29
C ILE A 93 -3.28 -12.58 -2.35
N LEU A 94 -3.26 -11.27 -2.14
CA LEU A 94 -3.94 -10.32 -3.05
C LEU A 94 -3.03 -9.78 -4.14
N SER A 95 -3.58 -9.64 -5.34
CA SER A 95 -2.87 -9.01 -6.41
C SER A 95 -3.89 -8.32 -7.30
N SER A 96 -3.39 -7.42 -8.13
CA SER A 96 -4.26 -6.65 -9.02
C SER A 96 -3.86 -6.79 -10.49
N LYS A 97 -4.90 -6.93 -11.33
CA LYS A 97 -4.74 -6.92 -12.86
C LYS A 97 -5.56 -5.80 -13.40
N ASN A 98 -5.76 -4.76 -12.58
CA ASN A 98 -6.59 -3.59 -12.91
C ASN A 98 -6.29 -2.91 -14.26
N THR A 99 -7.31 -2.79 -15.11
CA THR A 99 -7.16 -2.09 -16.39
C THR A 99 -7.80 -0.71 -16.35
N ALA A 100 -8.40 -0.35 -15.22
CA ALA A 100 -9.07 0.95 -15.05
C ALA A 100 -8.05 2.08 -14.81
N SER A 101 -8.57 3.31 -14.66
CA SER A 101 -7.75 4.49 -14.52
C SER A 101 -6.81 4.40 -13.32
N PRO A 102 -5.54 4.80 -13.53
CA PRO A 102 -4.60 4.90 -12.36
C PRO A 102 -4.97 6.01 -11.41
N THR A 103 -5.77 6.98 -11.87
CA THR A 103 -5.99 8.17 -11.11
C THR A 103 -7.37 8.30 -10.52
N VAL A 104 -8.40 8.02 -11.32
CA VAL A 104 -9.77 8.30 -10.86
C VAL A 104 -10.61 7.05 -10.68
N GLY A 105 -11.58 7.17 -9.81
CA GLY A 105 -12.57 6.12 -9.59
C GLY A 105 -12.26 5.15 -8.48
N LEU A 106 -11.17 5.35 -7.72
CA LEU A 106 -10.92 4.50 -6.49
C LEU A 106 -10.57 5.31 -5.27
N ASP A 107 -11.41 5.22 -4.25
CA ASP A 107 -11.25 5.97 -3.00
C ASP A 107 -10.62 5.02 -1.98
N SER A 108 -9.66 5.52 -1.23
CA SER A 108 -9.01 4.73 -0.19
C SER A 108 -10.01 4.26 0.87
N ALA A 109 -11.05 5.04 1.13
CA ALA A 109 -12.03 4.60 2.15
C ALA A 109 -12.75 3.33 1.72
N ILE A 110 -13.14 3.27 0.44
CA ILE A 110 -13.82 2.10 -0.06
C ILE A 110 -12.86 0.93 -0.15
N VAL A 111 -11.63 1.18 -0.63
CA VAL A 111 -10.67 0.12 -0.72
C VAL A 111 -10.37 -0.50 0.65
N ASP A 112 -10.18 0.34 1.64
CA ASP A 112 -9.93 -0.11 3.01
C ASP A 112 -11.12 -0.91 3.55
N LYS A 113 -12.35 -0.44 3.35
CA LYS A 113 -13.50 -1.18 3.83
C LYS A 113 -13.57 -2.57 3.20
N ILE A 114 -13.26 -2.64 1.91
CA ILE A 114 -13.28 -3.95 1.23
CA ILE A 114 -13.27 -3.94 1.20
C ILE A 114 -12.17 -4.86 1.71
N ILE A 115 -10.95 -4.37 1.72
CA ILE A 115 -9.80 -5.25 2.02
CA ILE A 115 -9.77 -5.24 2.01
C ILE A 115 -9.64 -5.57 3.48
N PHE A 116 -9.74 -4.54 4.33
CA PHE A 116 -9.51 -4.68 5.76
C PHE A 116 -10.76 -4.82 6.59
N GLY A 117 -11.91 -4.44 6.03
CA GLY A 117 -13.16 -4.49 6.78
C GLY A 117 -13.50 -3.23 7.50
N HIS A 118 -12.70 -2.16 7.33
CA HIS A 118 -12.90 -0.86 7.90
C HIS A 118 -11.92 0.15 7.36
N GLU A 119 -12.27 1.42 7.44
CA GLU A 119 -11.32 2.50 7.16
C GLU A 119 -10.19 2.43 8.17
N LEU A 120 -8.95 2.58 7.71
CA LEU A 120 -7.81 2.60 8.59
C LEU A 120 -7.61 4.00 9.17
N ASN A 121 -7.18 4.07 10.41
CA ASN A 121 -6.94 5.39 11.06
C ASN A 121 -5.67 6.05 10.54
N GLN A 122 -5.82 7.23 9.96
CA GLN A 122 -4.70 8.01 9.42
C GLN A 122 -4.03 8.83 10.50
N SER A 123 -2.74 9.09 10.34
CA SER A 123 -1.98 9.99 11.21
C SER A 123 -2.38 11.43 10.98
N TYR A 124 -1.83 12.30 11.81
CA TYR A 124 -1.81 13.73 11.50
C TYR A 124 -0.97 13.90 10.23
N SER A 125 -1.19 15.03 9.57
CA SER A 125 -0.46 15.38 8.37
CA SER A 125 -0.45 15.38 8.37
C SER A 125 1.03 15.60 8.68
N LEU A 126 1.89 15.06 7.82
CA LEU A 126 3.33 15.27 7.90
C LEU A 126 3.76 16.06 6.69
N ASN A 127 4.85 16.84 6.84
CA ASN A 127 5.18 17.85 5.82
C ASN A 127 6.27 17.47 4.86
N SER A 128 6.90 16.33 5.07
CA SER A 128 7.97 15.88 4.17
C SER A 128 8.16 14.40 4.31
N ILE A 129 8.78 13.79 3.30
CA ILE A 129 9.03 12.34 3.37
C ILE A 129 10.05 12.02 4.46
N ASP A 130 10.92 12.99 4.75
CA ASP A 130 11.89 12.89 5.84
C ASP A 130 11.19 12.77 7.18
N GLU A 131 10.13 13.57 7.37
CA GLU A 131 9.33 13.47 8.55
C GLU A 131 8.49 12.19 8.65
N VAL A 132 8.05 11.71 7.49
CA VAL A 132 7.43 10.41 7.44
C VAL A 132 8.36 9.34 7.97
N GLU A 133 9.58 9.33 7.45
CA GLU A 133 10.58 8.35 7.88
C GLU A 133 10.77 8.42 9.38
N LYS A 134 10.84 9.62 9.92
CA LYS A 134 11.11 9.78 11.38
C LYS A 134 9.92 9.30 12.17
N GLU A 135 8.72 9.62 11.73
CA GLU A 135 7.51 9.21 12.43
C GLU A 135 7.42 7.69 12.45
N ILE A 136 7.72 7.08 11.32
CA ILE A 136 7.66 5.62 11.25
C ILE A 136 8.70 5.00 12.19
N LEU A 137 9.88 5.55 12.20
CA LEU A 137 10.93 5.03 13.13
C LEU A 137 10.54 5.22 14.56
N ASN A 138 9.81 6.29 14.84
CA ASN A 138 9.27 6.53 16.21
CA ASN A 138 9.27 6.52 16.21
C ASN A 138 8.25 5.48 16.61
N ARG A 139 7.32 5.18 15.71
CA ARG A 139 6.36 4.17 15.98
C ARG A 139 6.98 2.79 16.16
N TYR A 140 8.03 2.54 15.38
CA TYR A 140 8.72 1.26 15.54
C TYR A 140 9.41 1.18 16.90
N ASP A 141 10.07 2.28 17.26
CA ASP A 141 10.80 2.36 18.54
C ASP A 141 9.86 2.11 19.71
N ILE A 142 8.67 2.65 19.66
CA ILE A 142 7.72 2.58 20.81
CA ILE A 142 7.75 2.56 20.82
C ILE A 142 6.89 1.30 20.82
N LYS A 143 6.46 0.83 19.65
CA LYS A 143 5.52 -0.25 19.57
C LYS A 143 5.89 -1.34 18.61
N ARG A 144 7.03 -1.20 17.95
CA ARG A 144 7.48 -2.12 16.94
C ARG A 144 6.46 -2.28 15.78
N GLU A 145 5.69 -1.23 15.52
CA GLU A 145 4.87 -1.16 14.30
C GLU A 145 5.81 -1.00 13.11
N SER A 146 5.69 -1.86 12.10
CA SER A 146 6.76 -1.95 11.11
C SER A 146 6.26 -1.90 9.66
N SER A 147 4.95 -1.73 9.44
CA SER A 147 4.43 -1.72 8.10
C SER A 147 3.33 -0.68 8.00
N PHE A 148 3.39 0.15 6.95
CA PHE A 148 2.51 1.28 6.80
C PHE A 148 2.13 1.54 5.36
N ILE A 149 0.99 2.15 5.17
CA ILE A 149 0.60 2.75 3.87
C ILE A 149 0.78 4.25 4.00
N ILE A 150 1.46 4.83 3.01
CA ILE A 150 1.73 6.26 2.97
C ILE A 150 0.83 6.88 1.90
N SER A 151 0.18 7.96 2.23
CA SER A 151 -0.64 8.75 1.27
C SER A 151 0.02 10.08 1.10
N ALA A 152 0.27 10.45 -0.17
CA ALA A 152 0.90 11.72 -0.45
C ALA A 152 -0.03 12.56 -1.30
N GLU A 153 -0.09 13.86 -0.98
CA GLU A 153 -0.98 14.74 -1.74
C GLU A 153 -0.46 15.17 -3.07
N ASN A 154 0.80 15.43 -3.16
CA ASN A 154 1.26 16.12 -4.45
C ASN A 154 2.45 15.40 -5.05
N TYR A 155 2.25 14.12 -5.30
CA TYR A 155 3.25 13.29 -5.92
C TYR A 155 3.30 13.61 -7.42
N ILE A 156 4.49 13.77 -7.96
CA ILE A 156 4.62 14.13 -9.39
C ILE A 156 4.68 12.84 -10.18
N ALA A 157 3.57 12.54 -10.86
CA ALA A 157 3.49 11.34 -11.67
C ALA A 157 3.79 11.70 -13.13
N PRO A 158 4.30 10.74 -13.89
CA PRO A 158 4.64 11.08 -15.29
C PRO A 158 3.43 11.64 -16.04
N ILE A 159 3.69 12.67 -16.82
CA ILE A 159 2.72 13.36 -17.69
C ILE A 159 1.70 14.14 -16.89
N ILE A 160 0.97 13.48 -15.98
CA ILE A 160 -0.11 14.17 -15.29
C ILE A 160 0.33 15.15 -14.20
N GLY A 161 1.54 14.95 -13.67
CA GLY A 161 2.10 15.88 -12.70
C GLY A 161 1.56 15.60 -11.32
N GLU A 162 1.40 16.66 -10.54
CA GLU A 162 1.02 16.54 -9.10
C GLU A 162 -0.30 15.83 -8.97
N SER A 163 -0.34 14.80 -8.14
CA SER A 163 -1.49 13.97 -7.98
C SER A 163 -1.39 13.23 -6.64
N GLY A 164 -2.52 12.74 -6.15
CA GLY A 164 -2.51 11.94 -4.93
C GLY A 164 -1.91 10.60 -5.24
N HIS A 165 -1.15 10.05 -4.29
CA HIS A 165 -0.47 8.79 -4.52
C HIS A 165 -0.38 8.02 -3.20
N ASP A 166 -0.53 6.70 -3.27
CA ASP A 166 -0.36 5.86 -2.11
C ASP A 166 0.84 4.93 -2.38
N PHE A 167 1.61 4.63 -1.35
CA PHE A 167 2.70 3.70 -1.45
C PHE A 167 2.92 3.08 -0.09
N ASN A 168 3.99 2.33 0.10
CA ASN A 168 4.15 1.57 1.35
C ASN A 168 5.50 1.86 2.01
N ALA A 169 5.60 1.52 3.27
CA ALA A 169 6.89 1.56 3.94
C ALA A 169 6.92 0.43 4.95
N VAL A 170 8.06 -0.22 5.06
CA VAL A 170 8.30 -1.28 6.02
C VAL A 170 9.64 -1.03 6.70
N VAL A 171 9.69 -1.25 8.00
CA VAL A 171 10.95 -1.15 8.74
C VAL A 171 11.65 -2.49 8.62
N ILE A 172 12.88 -2.48 8.10
CA ILE A 172 13.68 -3.66 7.95
CA ILE A 172 13.67 -3.66 7.96
C ILE A 172 14.72 -3.70 9.06
N SER A 173 14.82 -4.84 9.74
CA SER A 173 15.81 -5.03 10.82
C SER A 173 16.81 -6.12 10.46
N GLU A 174 17.97 -5.72 9.96
CA GLU A 174 19.02 -6.64 9.54
C GLU A 174 19.96 -6.89 10.72
N TYR A 175 20.67 -7.99 10.67
CA TYR A 175 21.52 -8.39 11.80
C TYR A 175 22.58 -7.29 12.11
N ASP A 176 22.59 -6.86 13.36
CA ASP A 176 23.54 -5.89 13.86
C ASP A 176 23.49 -4.52 13.18
N LYS A 177 22.34 -4.19 12.57
CA LYS A 177 22.18 -2.90 11.89
C LYS A 177 21.00 -2.19 12.50
N LYS A 178 21.10 -0.86 12.57
CA LYS A 178 19.94 -0.06 12.98
C LYS A 178 18.78 -0.36 12.02
N PRO A 179 17.56 -0.48 12.57
CA PRO A 179 16.35 -0.60 11.70
C PRO A 179 16.30 0.56 10.76
N TYR A 180 15.86 0.32 9.52
CA TYR A 180 15.70 1.42 8.55
C TYR A 180 14.35 1.31 7.89
N VAL A 181 13.86 2.42 7.41
CA VAL A 181 12.61 2.43 6.62
C VAL A 181 12.90 2.15 5.15
N GLN A 182 12.26 1.11 4.62
CA GLN A 182 12.33 0.83 3.21
C GLN A 182 10.99 1.32 2.61
N PHE A 183 11.03 2.35 1.79
CA PHE A 183 9.84 2.69 1.01
C PHE A 183 9.68 1.74 -0.16
N ILE A 184 8.43 1.40 -0.47
CA ILE A 184 8.06 0.47 -1.49
C ILE A 184 6.97 1.09 -2.35
N ASP A 185 7.18 1.19 -3.65
CA ASP A 185 6.16 1.73 -4.55
C ASP A 185 5.91 0.66 -5.64
N SER A 186 4.93 -0.20 -5.42
CA SER A 186 4.63 -1.29 -6.30
C SER A 186 4.06 -0.79 -7.63
N TRP A 187 3.55 0.42 -7.64
CA TRP A 187 3.04 1.08 -8.87
C TRP A 187 4.15 1.56 -9.78
N LYS A 188 5.22 2.08 -9.17
CA LYS A 188 6.33 2.68 -9.89
C LYS A 188 7.33 1.59 -10.27
N THR A 189 7.03 0.85 -11.33
CA THR A 189 7.75 -0.39 -11.59
C THR A 189 9.17 -0.14 -12.05
N SER A 190 9.45 1.10 -12.41
CA SER A 190 10.83 1.47 -12.76
C SER A 190 11.76 1.44 -11.54
N ASN A 191 11.22 1.54 -10.34
CA ASN A 191 11.99 1.61 -9.12
C ASN A 191 11.08 1.29 -7.91
N ILE A 192 10.88 0.00 -7.68
CA ILE A 192 9.90 -0.40 -6.69
C ILE A 192 10.38 -0.26 -5.27
N LEU A 193 11.70 -0.25 -5.08
CA LEU A 193 12.31 -0.02 -3.77
C LEU A 193 13.15 1.26 -3.82
N PRO A 194 12.52 2.43 -3.87
CA PRO A 194 13.31 3.65 -3.95
C PRO A 194 13.99 3.98 -2.65
N SER A 195 15.11 4.66 -2.73
CA SER A 195 15.74 5.23 -1.58
C SER A 195 14.96 6.49 -1.20
N LEU A 196 15.23 7.03 -0.01
CA LEU A 196 14.61 8.28 0.41
C LEU A 196 14.91 9.36 -0.60
N GLN A 197 16.16 9.48 -0.96
CA GLN A 197 16.60 10.50 -1.91
C GLN A 197 15.88 10.40 -3.21
N GLU A 198 15.69 9.15 -3.68
CA GLU A 198 15.01 8.93 -4.95
C GLU A 198 13.55 9.30 -4.87
N ILE A 199 12.86 8.88 -3.79
CA ILE A 199 11.44 9.14 -3.73
C ILE A 199 11.16 10.65 -3.50
N LYS A 200 12.08 11.35 -2.85
CA LYS A 200 11.97 12.79 -2.65
C LYS A 200 11.92 13.56 -3.96
N LYS A 201 12.53 13.03 -5.00
CA LYS A 201 12.50 13.64 -6.33
C LYS A 201 11.09 13.83 -6.86
N HIS A 202 10.12 13.02 -6.37
CA HIS A 202 8.80 13.08 -6.89
C HIS A 202 7.90 14.11 -6.16
N PHE A 203 8.48 14.87 -5.23
CA PHE A 203 7.71 15.87 -4.49
C PHE A 203 8.38 17.24 -4.55
N SER A 204 7.59 18.29 -4.72
CA SER A 204 8.06 19.66 -4.40
C SER A 204 7.58 19.95 -2.98
N SER A 205 7.83 21.18 -2.54
CA SER A 205 7.48 21.59 -1.20
C SER A 205 5.99 21.51 -0.91
N SER A 206 5.18 21.44 -1.95
CA SER A 206 3.72 21.32 -1.75
C SER A 206 3.31 20.05 -0.98
N GLY A 207 3.89 19.89 0.20
CA GLY A 207 4.02 18.56 0.86
C GLY A 207 3.04 18.26 1.92
N GLU A 208 2.34 17.16 1.72
CA GLU A 208 1.47 16.63 2.72
C GLU A 208 1.43 15.12 2.62
N PHE A 209 1.66 14.47 3.76
CA PHE A 209 1.73 13.04 3.81
C PHE A 209 0.94 12.56 5.00
N TYR A 210 0.41 11.36 4.88
CA TYR A 210 -0.33 10.69 5.99
C TYR A 210 0.11 9.27 6.04
N VAL A 211 0.14 8.69 7.24
CA VAL A 211 0.50 7.30 7.43
CA VAL A 211 0.46 7.27 7.36
C VAL A 211 -0.69 6.54 8.01
N ARG A 212 -0.93 5.30 7.58
CA ARG A 212 -1.96 4.44 8.20
C ARG A 212 -1.56 2.99 8.17
N ALA A 213 -2.16 2.19 9.01
CA ALA A 213 -1.79 0.80 9.11
C ALA A 213 -2.94 -0.02 9.66
N TYR A 214 -3.00 -1.25 9.20
CA TYR A 214 -3.96 -2.23 9.67
C TYR A 214 -3.45 -2.90 10.93
N ASP A 215 -4.32 -2.98 11.92
CA ASP A 215 -4.02 -3.60 13.20
C ASP A 215 -5.09 -4.68 13.46
N GLU A 216 -4.66 -5.87 13.86
CA GLU A 216 -5.59 -6.95 14.23
C GLU A 216 -5.71 -6.98 15.75
#